data_6IIY
#
_entry.id   6IIY
#
_cell.length_a   93.451
_cell.length_b   66.671
_cell.length_c   43.390
_cell.angle_alpha   90.00
_cell.angle_beta   92.59
_cell.angle_gamma   90.00
#
_symmetry.space_group_name_H-M   'C 1 2 1'
#
loop_
_entity.id
_entity.type
_entity.pdbx_description
1 polymer deacetylase
2 non-polymer IMIDAZOLE
3 non-polymer 'COBALT (II) ION'
4 water water
#
_entity_poly.entity_id   1
_entity_poly.type   'polypeptide(L)'
_entity_poly.pdbx_seq_one_letter_code
;MGSSHHHHHHSSGLVPRGSHMPHDPGATRLLAISPHLDDAVLSFGAGLAQAAQDGANVLVYTVFAGAAQPPYSPAAQRMH
TIWGLAPDDDAVLYRRKEDIAALDHLRVAHRHGRFLDAIYRKLPDGRWLTAHVEGRQKLAANDHSPDSDHDLVGEVADDI
RSIIDEFDPTLVVTCAAIGEHPDHEATRDAALFATHEKNVPVRLWEDLPYAVYKSGAVELPQGFRLGSADVSSVKPEMRS
QKFQAVERYSSQMVLLNGSENNLFDRLDEHARQNAPHGGYGETTWPVVRSDDS
;
_entity_poly.pdbx_strand_id   A
#
loop_
_chem_comp.id
_chem_comp.type
_chem_comp.name
_chem_comp.formula
CO non-polymer 'COBALT (II) ION' 'Co 2'
IMD non-polymer IMIDAZOLE 'C3 H5 N2 1'
#
# COMPACT_ATOMS: atom_id res chain seq x y z
N THR A 28 20.41 2.16 -0.61
CA THR A 28 19.15 1.48 -0.16
C THR A 28 18.36 1.04 -1.41
N ARG A 29 17.94 -0.22 -1.42
CA ARG A 29 16.99 -0.70 -2.43
C ARG A 29 15.70 -1.04 -1.68
N LEU A 30 14.70 -0.18 -1.88
CA LEU A 30 13.44 -0.27 -1.13
C LEU A 30 12.33 -0.85 -2.01
N LEU A 31 11.85 -2.04 -1.65
CA LEU A 31 10.73 -2.66 -2.36
C LEU A 31 9.48 -2.47 -1.52
N ALA A 32 8.54 -1.67 -2.00
CA ALA A 32 7.23 -1.52 -1.35
C ALA A 32 6.26 -2.43 -2.05
N ILE A 33 5.38 -3.09 -1.29
CA ILE A 33 4.44 -4.07 -1.83
C ILE A 33 3.04 -3.64 -1.48
N SER A 34 2.33 -3.12 -2.47
CA SER A 34 1.00 -2.55 -2.26
C SER A 34 -0.07 -3.59 -2.62
N PRO A 35 -1.14 -3.75 -1.84
CA PRO A 35 -2.22 -4.64 -2.27
C PRO A 35 -2.88 -4.16 -3.54
N HIS A 36 -3.36 -2.91 -3.51
CA HIS A 36 -4.12 -2.34 -4.62
C HIS A 36 -3.44 -1.10 -5.14
N LEU A 37 -3.95 -0.63 -6.28
CA LEU A 37 -3.46 0.59 -6.94
C LEU A 37 -3.97 1.82 -6.21
N ASP A 38 -3.22 2.22 -5.20
CA ASP A 38 -3.43 3.39 -4.29
C ASP A 38 -2.86 3.20 -2.90
N ASP A 39 -2.78 1.98 -2.39
CA ASP A 39 -2.54 1.80 -0.97
C ASP A 39 -1.19 2.29 -0.52
N ALA A 40 -0.14 1.98 -1.26
CA ALA A 40 1.21 2.40 -0.91
C ALA A 40 1.34 3.90 -0.87
N VAL A 41 0.77 4.58 -1.84
CA VAL A 41 0.83 6.04 -1.86
C VAL A 41 -0.01 6.64 -0.73
N LEU A 42 -1.23 6.16 -0.52
CA LEU A 42 -2.05 6.65 0.58
C LEU A 42 -1.34 6.49 1.93
N SER A 43 -0.71 5.35 2.15
CA SER A 43 -0.20 5.00 3.45
C SER A 43 1.23 5.41 3.68
N PHE A 44 2.01 5.39 2.61
CA PHE A 44 3.46 5.52 2.74
C PHE A 44 4.07 6.36 1.64
N GLY A 45 3.24 7.18 0.97
CA GLY A 45 3.77 7.99 -0.12
C GLY A 45 4.86 8.96 0.27
N ALA A 46 4.75 9.53 1.48
CA ALA A 46 5.84 10.41 1.93
C ALA A 46 7.10 9.64 2.20
N GLY A 47 7.00 8.48 2.79
CA GLY A 47 8.18 7.66 3.00
C GLY A 47 8.85 7.22 1.70
N LEU A 48 8.05 6.87 0.70
CA LEU A 48 8.58 6.51 -0.59
C LEU A 48 9.30 7.68 -1.25
N ALA A 49 8.66 8.81 -1.26
CA ALA A 49 9.27 9.98 -1.92
C ALA A 49 10.50 10.45 -1.19
N GLN A 50 10.50 10.40 0.14
CA GLN A 50 11.68 10.87 0.85
C GLN A 50 12.82 9.87 0.65
N ALA A 51 12.56 8.56 0.62
CA ALA A 51 13.59 7.58 0.33
C ALA A 51 14.21 7.84 -1.03
N ALA A 52 13.38 8.14 -2.03
CA ALA A 52 13.91 8.41 -3.35
C ALA A 52 14.74 9.70 -3.35
N GLN A 53 14.23 10.74 -2.69
CA GLN A 53 14.98 12.00 -2.62
C GLN A 53 16.32 11.81 -1.91
N ASP A 54 16.35 10.93 -0.91
CA ASP A 54 17.57 10.57 -0.16
C ASP A 54 18.57 9.81 -1.04
N GLY A 55 18.12 9.30 -2.19
CA GLY A 55 18.97 8.56 -3.13
C GLY A 55 18.71 7.07 -3.17
N ALA A 56 17.66 6.57 -2.50
CA ALA A 56 17.33 5.15 -2.57
C ALA A 56 16.76 4.78 -3.95
N ASN A 57 16.95 3.52 -4.31
CA ASN A 57 16.32 2.91 -5.47
C ASN A 57 14.99 2.32 -4.95
N VAL A 58 13.88 2.90 -5.38
CA VAL A 58 12.55 2.55 -4.81
C VAL A 58 11.68 1.97 -5.89
N LEU A 59 11.12 0.79 -5.62
CA LEU A 59 10.21 0.09 -6.52
C LEU A 59 8.92 -0.24 -5.76
N VAL A 60 7.77 0.19 -6.31
CA VAL A 60 6.46 -0.13 -5.72
C VAL A 60 5.77 -1.19 -6.57
N TYR A 61 5.74 -2.40 -6.06
CA TYR A 61 5.05 -3.54 -6.68
C TYR A 61 3.64 -3.62 -6.17
N THR A 62 2.66 -3.57 -7.05
CA THR A 62 1.28 -3.76 -6.66
C THR A 62 0.84 -5.18 -7.03
N VAL A 63 0.41 -5.93 -6.01
CA VAL A 63 0.05 -7.33 -6.19
C VAL A 63 -1.22 -7.48 -7.03
N PHE A 64 -2.29 -6.80 -6.62
CA PHE A 64 -3.60 -7.00 -7.23
C PHE A 64 -3.89 -6.01 -8.34
N ALA A 65 -2.94 -5.93 -9.26
CA ALA A 65 -3.04 -5.08 -10.46
C ALA A 65 -3.31 -5.89 -11.72
N GLY A 66 -3.76 -7.14 -11.56
CA GLY A 66 -3.99 -8.00 -12.67
C GLY A 66 -5.14 -7.57 -13.55
N ALA A 67 -5.00 -7.79 -14.85
CA ALA A 67 -5.97 -7.39 -15.84
C ALA A 67 -7.27 -8.13 -15.66
N ALA A 68 -8.38 -7.41 -15.80
CA ALA A 68 -9.71 -8.01 -15.71
C ALA A 68 -10.49 -7.60 -16.94
N GLN A 69 -11.55 -8.35 -17.22
CA GLN A 69 -12.40 -8.08 -18.38
C GLN A 69 -13.80 -8.61 -18.13
N PRO A 70 -14.79 -8.12 -18.91
CA PRO A 70 -16.16 -8.66 -18.76
C PRO A 70 -16.20 -10.18 -19.01
N PRO A 71 -17.13 -10.92 -18.39
CA PRO A 71 -18.21 -10.37 -17.56
C PRO A 71 -17.77 -10.02 -16.14
N TYR A 72 -18.22 -8.85 -15.67
CA TYR A 72 -17.98 -8.39 -14.32
C TYR A 72 -19.19 -8.70 -13.46
N SER A 73 -18.99 -8.91 -12.17
CA SER A 73 -20.10 -9.02 -11.22
C SER A 73 -20.89 -7.69 -11.17
N PRO A 74 -22.16 -7.73 -10.74
CA PRO A 74 -22.87 -6.46 -10.54
C PRO A 74 -22.16 -5.53 -9.54
N ALA A 75 -21.54 -6.08 -8.51
CA ALA A 75 -20.76 -5.30 -7.55
C ALA A 75 -19.58 -4.57 -8.22
N ALA A 76 -18.84 -5.28 -9.08
CA ALA A 76 -17.72 -4.68 -9.81
C ALA A 76 -18.20 -3.61 -10.78
N GLN A 77 -19.28 -3.92 -11.52
CA GLN A 77 -19.89 -2.92 -12.40
C GLN A 77 -20.30 -1.66 -11.65
N ARG A 78 -20.88 -1.85 -10.47
CA ARG A 78 -21.24 -0.74 -9.59
C ARG A 78 -20.02 0.10 -9.21
N MET A 79 -18.93 -0.55 -8.80
N MET A 79 -18.94 -0.55 -8.80
CA MET A 79 -17.68 0.17 -8.50
CA MET A 79 -17.70 0.16 -8.48
C MET A 79 -17.21 0.97 -9.69
C MET A 79 -17.18 0.96 -9.68
N HIS A 80 -17.17 0.34 -10.87
CA HIS A 80 -16.72 1.03 -12.08
C HIS A 80 -17.49 2.33 -12.35
N THR A 81 -18.82 2.26 -12.16
CA THR A 81 -19.65 3.45 -12.42
C THR A 81 -19.41 4.53 -11.38
N ILE A 82 -19.25 4.15 -10.12
CA ILE A 82 -18.88 5.09 -9.06
C ILE A 82 -17.57 5.79 -9.43
N TRP A 83 -16.62 5.02 -9.95
CA TRP A 83 -15.31 5.54 -10.36
C TRP A 83 -15.33 6.45 -11.59
N GLY A 84 -16.47 6.58 -12.28
CA GLY A 84 -16.58 7.45 -13.45
C GLY A 84 -16.38 6.77 -14.78
N LEU A 85 -16.42 5.44 -14.79
CA LEU A 85 -16.23 4.65 -16.01
C LEU A 85 -17.56 4.06 -16.43
N ALA A 86 -17.60 3.47 -17.62
CA ALA A 86 -18.75 2.63 -17.99
C ALA A 86 -18.70 1.31 -17.17
N PRO A 87 -19.87 0.66 -16.95
CA PRO A 87 -19.88 -0.58 -16.17
C PRO A 87 -18.87 -1.65 -16.63
N ASP A 88 -18.71 -1.79 -17.96
CA ASP A 88 -17.84 -2.81 -18.54
C ASP A 88 -16.50 -2.27 -19.04
N ASP A 89 -16.13 -1.07 -18.62
CA ASP A 89 -14.82 -0.52 -18.99
C ASP A 89 -13.63 -1.26 -18.37
N ASP A 90 -12.46 -1.02 -18.94
CA ASP A 90 -11.21 -1.62 -18.46
C ASP A 90 -10.68 -0.79 -17.29
N ALA A 91 -11.31 -0.99 -16.13
CA ALA A 91 -11.00 -0.23 -14.94
C ALA A 91 -9.56 -0.48 -14.49
N VAL A 92 -9.05 -1.69 -14.63
CA VAL A 92 -7.69 -1.99 -14.18
C VAL A 92 -6.68 -1.18 -14.97
N LEU A 93 -6.85 -1.07 -16.28
CA LEU A 93 -5.92 -0.27 -17.06
C LEU A 93 -5.98 1.22 -16.65
N TYR A 94 -7.17 1.72 -16.43
CA TYR A 94 -7.34 3.11 -15.98
C TYR A 94 -6.61 3.33 -14.65
N ARG A 95 -6.76 2.37 -13.73
CA ARG A 95 -6.11 2.47 -12.42
C ARG A 95 -4.60 2.30 -12.51
N ARG A 96 -4.14 1.44 -13.42
CA ARG A 96 -2.70 1.32 -13.61
C ARG A 96 -2.09 2.65 -14.07
N LYS A 97 -2.81 3.35 -14.96
CA LYS A 97 -2.30 4.66 -15.44
C LYS A 97 -2.31 5.70 -14.29
N GLU A 98 -3.33 5.63 -13.44
CA GLU A 98 -3.35 6.49 -12.23
C GLU A 98 -2.11 6.22 -11.39
N ASP A 99 -1.79 4.94 -11.19
CA ASP A 99 -0.68 4.53 -10.35
C ASP A 99 0.67 5.00 -10.95
N ILE A 100 0.83 4.87 -12.26
CA ILE A 100 2.04 5.37 -12.89
C ILE A 100 2.14 6.88 -12.68
N ALA A 101 1.03 7.60 -12.85
CA ALA A 101 1.06 9.06 -12.65
C ALA A 101 1.41 9.43 -11.21
N ALA A 102 0.83 8.73 -10.24
CA ALA A 102 1.11 8.98 -8.83
C ALA A 102 2.54 8.66 -8.48
N LEU A 103 3.01 7.50 -8.88
CA LEU A 103 4.35 7.10 -8.55
C LEU A 103 5.42 7.91 -9.28
N ASP A 104 5.15 8.28 -10.53
CA ASP A 104 6.04 9.23 -11.22
C ASP A 104 6.12 10.56 -10.44
N HIS A 105 5.01 11.01 -9.86
CA HIS A 105 5.04 12.26 -9.09
C HIS A 105 5.90 12.12 -7.85
N LEU A 106 5.99 10.94 -7.28
CA LEU A 106 6.89 10.67 -6.15
C LEU A 106 8.32 10.34 -6.56
N ARG A 107 8.53 10.21 -7.88
CA ARG A 107 9.80 9.84 -8.47
C ARG A 107 10.29 8.44 -8.08
N VAL A 108 9.34 7.50 -8.07
CA VAL A 108 9.65 6.10 -7.78
C VAL A 108 9.11 5.20 -8.88
N ALA A 109 9.67 4.02 -8.97
CA ALA A 109 9.28 3.07 -10.01
C ALA A 109 8.05 2.26 -9.60
N HIS A 110 7.42 1.67 -10.59
CA HIS A 110 6.24 0.80 -10.42
C HIS A 110 6.45 -0.55 -11.05
N ARG A 111 5.69 -1.51 -10.54
CA ARG A 111 5.62 -2.85 -11.15
C ARG A 111 4.23 -3.37 -10.88
N HIS A 112 3.51 -3.74 -11.92
CA HIS A 112 2.13 -4.14 -11.79
C HIS A 112 1.97 -5.64 -11.88
N GLY A 113 1.52 -6.25 -10.80
CA GLY A 113 1.37 -7.69 -10.75
C GLY A 113 0.16 -8.25 -11.43
N ARG A 114 0.05 -9.58 -11.38
CA ARG A 114 -0.87 -10.33 -12.23
C ARG A 114 -2.15 -10.71 -11.51
N PHE A 115 -2.25 -10.43 -10.22
CA PHE A 115 -3.35 -11.00 -9.42
C PHE A 115 -4.60 -10.16 -9.50
N LEU A 116 -5.75 -10.81 -9.51
CA LEU A 116 -7.02 -10.11 -9.65
C LEU A 116 -7.50 -9.59 -8.33
N ASP A 117 -7.83 -8.31 -8.32
CA ASP A 117 -8.48 -7.67 -7.18
C ASP A 117 -9.67 -8.51 -6.73
N ALA A 118 -9.93 -8.54 -5.44
CA ALA A 118 -11.05 -9.29 -4.87
C ALA A 118 -12.39 -9.01 -5.56
N ILE A 119 -12.62 -7.83 -6.08
CA ILE A 119 -13.88 -7.57 -6.79
C ILE A 119 -14.00 -8.33 -8.11
N TYR A 120 -12.91 -8.83 -8.65
CA TYR A 120 -12.92 -9.64 -9.88
C TYR A 120 -12.76 -11.14 -9.62
N ARG A 121 -12.45 -11.54 -8.39
CA ARG A 121 -12.40 -12.97 -8.04
C ARG A 121 -13.80 -13.50 -7.71
N HIS A 150 -4.87 -19.70 0.99
CA HIS A 150 -3.52 -20.26 1.12
C HIS A 150 -2.88 -20.50 -0.26
N ASP A 151 -3.71 -20.95 -1.20
CA ASP A 151 -3.36 -21.05 -2.62
C ASP A 151 -2.92 -19.69 -3.20
N LEU A 152 -3.81 -18.70 -3.06
CA LEU A 152 -3.51 -17.34 -3.49
C LEU A 152 -2.26 -16.80 -2.81
N VAL A 153 -2.17 -16.95 -1.50
CA VAL A 153 -1.03 -16.41 -0.77
C VAL A 153 0.26 -17.06 -1.26
N GLY A 154 0.23 -18.38 -1.51
CA GLY A 154 1.39 -19.08 -2.00
C GLY A 154 1.84 -18.58 -3.35
N GLU A 155 0.90 -18.32 -4.25
CA GLU A 155 1.24 -17.79 -5.59
C GLU A 155 1.82 -16.37 -5.49
N VAL A 156 1.20 -15.54 -4.65
CA VAL A 156 1.70 -14.17 -4.44
C VAL A 156 3.12 -14.24 -3.89
N ALA A 157 3.33 -15.11 -2.90
CA ALA A 157 4.65 -15.27 -2.28
C ALA A 157 5.69 -15.70 -3.31
N ASP A 158 5.30 -16.61 -4.20
CA ASP A 158 6.19 -17.03 -5.29
C ASP A 158 6.62 -15.85 -6.15
N ASP A 159 5.65 -15.02 -6.56
CA ASP A 159 5.96 -13.85 -7.38
C ASP A 159 6.85 -12.88 -6.62
N ILE A 160 6.57 -12.68 -5.33
CA ILE A 160 7.40 -11.80 -4.51
C ILE A 160 8.84 -12.32 -4.41
N ARG A 161 8.99 -13.62 -4.21
CA ARG A 161 10.34 -14.20 -4.15
C ARG A 161 11.14 -13.96 -5.45
N SER A 162 10.47 -14.06 -6.59
CA SER A 162 11.09 -13.75 -7.88
C SER A 162 11.52 -12.29 -7.99
N ILE A 163 10.68 -11.38 -7.51
CA ILE A 163 11.00 -9.97 -7.50
C ILE A 163 12.16 -9.66 -6.54
N ILE A 164 12.16 -10.33 -5.38
CA ILE A 164 13.26 -10.18 -4.43
C ILE A 164 14.58 -10.60 -5.11
N ASP A 165 14.55 -11.74 -5.80
CA ASP A 165 15.76 -12.20 -6.52
C ASP A 165 16.23 -11.19 -7.56
N GLU A 166 15.30 -10.60 -8.31
CA GLU A 166 15.65 -9.66 -9.38
C GLU A 166 16.10 -8.30 -8.89
N PHE A 167 15.36 -7.71 -7.94
CA PHE A 167 15.59 -6.35 -7.49
C PHE A 167 16.59 -6.28 -6.33
N ASP A 168 16.70 -7.37 -5.57
CA ASP A 168 17.62 -7.47 -4.44
C ASP A 168 17.42 -6.34 -3.42
N PRO A 169 16.19 -6.22 -2.87
CA PRO A 169 15.95 -5.18 -1.90
C PRO A 169 16.79 -5.32 -0.63
N THR A 170 17.14 -4.19 -0.05
CA THR A 170 17.69 -4.18 1.29
C THR A 170 16.61 -4.04 2.37
N LEU A 171 15.41 -3.58 1.97
CA LEU A 171 14.28 -3.42 2.90
C LEU A 171 13.01 -3.61 2.09
N VAL A 172 12.03 -4.30 2.67
CA VAL A 172 10.69 -4.42 2.10
C VAL A 172 9.73 -3.73 3.05
N VAL A 173 8.79 -2.96 2.49
CA VAL A 173 7.71 -2.38 3.28
CA VAL A 173 7.72 -2.37 3.28
C VAL A 173 6.40 -2.80 2.65
N THR A 174 5.45 -3.21 3.47
CA THR A 174 4.12 -3.57 2.99
C THR A 174 3.11 -3.18 4.04
N CYS A 175 1.86 -3.51 3.81
CA CYS A 175 0.78 -3.09 4.69
C CYS A 175 0.63 -3.93 5.95
N ALA A 176 0.19 -3.30 7.04
CA ALA A 176 -0.20 -4.03 8.25
C ALA A 176 -1.52 -4.80 8.05
N ALA A 177 -2.33 -4.39 7.08
CA ALA A 177 -3.69 -4.90 6.82
C ALA A 177 -4.63 -4.58 7.98
N ILE A 178 -4.44 -3.41 8.57
CA ILE A 178 -5.46 -2.81 9.43
C ILE A 178 -6.71 -2.62 8.57
N GLY A 179 -7.85 -3.04 9.11
CA GLY A 179 -9.08 -3.09 8.33
C GLY A 179 -9.43 -4.46 7.83
N GLU A 180 -8.47 -5.39 7.81
CA GLU A 180 -8.70 -6.79 7.51
C GLU A 180 -9.25 -7.05 6.12
N HIS A 181 -8.94 -6.19 5.16
CA HIS A 181 -9.33 -6.48 3.79
C HIS A 181 -8.58 -7.72 3.30
N PRO A 182 -9.29 -8.69 2.69
CA PRO A 182 -8.61 -9.94 2.34
C PRO A 182 -7.38 -9.76 1.44
N ASP A 183 -7.44 -8.82 0.50
CA ASP A 183 -6.29 -8.55 -0.35
C ASP A 183 -5.12 -7.94 0.41
N HIS A 184 -5.41 -7.13 1.41
CA HIS A 184 -4.37 -6.55 2.26
C HIS A 184 -3.72 -7.66 3.09
N GLU A 185 -4.55 -8.57 3.64
CA GLU A 185 -3.99 -9.70 4.40
C GLU A 185 -3.17 -10.62 3.54
N ALA A 186 -3.66 -10.91 2.34
CA ALA A 186 -2.94 -11.81 1.45
C ALA A 186 -1.58 -11.22 1.07
N THR A 187 -1.59 -9.91 0.76
CA THR A 187 -0.38 -9.19 0.41
C THR A 187 0.63 -9.23 1.55
N ARG A 188 0.17 -8.84 2.72
CA ARG A 188 1.03 -8.81 3.91
C ARG A 188 1.62 -10.19 4.18
N ASP A 189 0.76 -11.19 4.21
CA ASP A 189 1.20 -12.53 4.62
C ASP A 189 2.18 -13.08 3.60
N ALA A 190 1.86 -12.91 2.33
CA ALA A 190 2.77 -13.37 1.29
C ALA A 190 4.13 -12.68 1.40
N ALA A 191 4.12 -11.37 1.62
CA ALA A 191 5.35 -10.62 1.77
C ALA A 191 6.13 -11.09 2.98
N LEU A 192 5.44 -11.34 4.11
CA LEU A 192 6.11 -11.87 5.30
C LEU A 192 6.78 -13.21 5.02
N PHE A 193 6.08 -14.11 4.34
CA PHE A 193 6.66 -15.43 4.07
C PHE A 193 7.84 -15.32 3.13
N ALA A 194 7.71 -14.54 2.06
CA ALA A 194 8.78 -14.41 1.09
C ALA A 194 10.01 -13.75 1.68
N THR A 195 9.83 -12.68 2.42
CA THR A 195 10.97 -12.00 3.00
C THR A 195 11.62 -12.83 4.12
N HIS A 196 10.83 -13.61 4.84
CA HIS A 196 11.38 -14.49 5.87
C HIS A 196 12.30 -15.52 5.22
N GLU A 197 11.83 -16.12 4.15
CA GLU A 197 12.61 -17.13 3.44
C GLU A 197 13.89 -16.55 2.86
N LYS A 198 13.81 -15.32 2.34
CA LYS A 198 14.95 -14.64 1.71
C LYS A 198 15.82 -13.83 2.67
N ASN A 199 15.44 -13.78 3.96
CA ASN A 199 16.18 -13.04 4.97
C ASN A 199 16.34 -11.57 4.59
N VAL A 200 15.21 -10.96 4.23
CA VAL A 200 15.15 -9.54 3.95
C VAL A 200 14.32 -8.88 5.06
N PRO A 201 14.82 -7.80 5.66
CA PRO A 201 14.02 -7.15 6.70
C PRO A 201 12.75 -6.54 6.13
N VAL A 202 11.73 -6.47 6.97
CA VAL A 202 10.39 -5.97 6.60
CA VAL A 202 10.45 -5.95 6.54
C VAL A 202 9.88 -5.00 7.61
N ARG A 203 9.19 -3.96 7.16
CA ARG A 203 8.38 -3.09 7.98
C ARG A 203 6.98 -3.07 7.43
N LEU A 204 6.02 -2.86 8.31
CA LEU A 204 4.60 -2.68 7.93
C LEU A 204 4.16 -1.25 8.10
N TRP A 205 3.41 -0.71 7.15
CA TRP A 205 2.83 0.62 7.28
C TRP A 205 1.43 0.52 7.84
N GLU A 206 0.99 1.60 8.44
CA GLU A 206 -0.37 1.74 8.93
C GLU A 206 -1.29 2.04 7.73
N ASP A 207 -2.25 1.16 7.46
CA ASP A 207 -3.10 1.33 6.29
C ASP A 207 -3.94 2.60 6.40
N LEU A 208 -3.87 3.49 5.41
CA LEU A 208 -4.66 4.70 5.39
C LEU A 208 -5.60 4.67 4.19
N PRO A 209 -6.82 5.22 4.33
CA PRO A 209 -7.34 5.90 5.54
C PRO A 209 -7.98 4.98 6.55
N TYR A 210 -7.89 3.69 6.37
CA TYR A 210 -8.61 2.70 7.18
C TYR A 210 -8.27 2.79 8.66
N ALA A 211 -7.04 3.20 9.00
CA ALA A 211 -6.61 3.29 10.41
C ALA A 211 -7.03 4.58 11.08
N VAL A 212 -7.54 5.55 10.31
CA VAL A 212 -7.96 6.85 10.85
C VAL A 212 -9.11 6.67 11.84
N TYR A 213 -9.88 5.59 11.67
CA TYR A 213 -10.92 5.21 12.63
C TYR A 213 -10.60 4.05 13.56
N LYS A 214 -10.04 2.97 13.02
CA LYS A 214 -9.85 1.72 13.77
C LYS A 214 -8.37 1.45 14.00
N GLY A 216 -6.26 -0.70 15.36
CA GLY A 216 -4.83 -0.72 15.06
C GLY A 216 -4.11 -2.04 15.25
N ALA A 217 -4.56 -2.87 16.19
CA ALA A 217 -3.93 -4.17 16.45
C ALA A 217 -4.30 -5.20 15.39
N VAL A 218 -3.31 -5.83 14.78
CA VAL A 218 -3.55 -6.87 13.77
C VAL A 218 -2.96 -8.20 14.24
N GLU A 219 -3.52 -9.27 13.69
CA GLU A 219 -3.07 -10.63 13.98
C GLU A 219 -2.17 -11.09 12.83
N LEU A 220 -0.87 -11.15 13.07
CA LEU A 220 0.08 -11.65 12.05
C LEU A 220 0.13 -13.18 12.06
N PRO A 221 0.60 -13.78 10.97
CA PRO A 221 0.87 -15.21 10.99
C PRO A 221 1.79 -15.57 12.12
N GLN A 222 1.57 -16.76 12.65
CA GLN A 222 2.37 -17.23 13.77
C GLN A 222 3.85 -17.20 13.41
N GLY A 223 4.64 -16.67 14.37
CA GLY A 223 6.07 -16.54 14.19
C GLY A 223 6.56 -15.12 14.00
N PHE A 224 5.66 -14.21 13.65
CA PHE A 224 5.97 -12.80 13.40
C PHE A 224 5.32 -11.94 14.45
N ARG A 225 6.02 -10.90 14.85
CA ARG A 225 5.45 -9.88 15.72
C ARG A 225 6.03 -8.52 15.40
N LEU A 226 5.37 -7.48 15.89
CA LEU A 226 5.82 -6.11 15.64
C LEU A 226 6.62 -5.52 16.77
N GLY A 227 7.65 -4.76 16.43
CA GLY A 227 8.32 -3.87 17.36
C GLY A 227 7.52 -2.61 17.61
N SER A 228 8.17 -1.64 18.24
N SER A 228 8.10 -1.64 18.29
CA SER A 228 7.55 -0.38 18.58
CA SER A 228 7.39 -0.42 18.62
C SER A 228 7.16 0.42 17.32
C SER A 228 7.16 0.42 17.38
N ALA A 229 6.07 1.16 17.41
CA ALA A 229 5.68 2.07 16.33
C ALA A 229 6.73 3.16 16.14
N ASP A 230 7.02 3.47 14.91
CA ASP A 230 7.76 4.65 14.54
C ASP A 230 6.79 5.56 13.79
N VAL A 231 6.75 6.84 14.13
CA VAL A 231 5.97 7.79 13.37
C VAL A 231 6.96 8.75 12.76
N SER A 232 7.05 8.79 11.44
CA SER A 232 8.01 9.62 10.76
C SER A 232 7.68 11.09 10.93
N SER A 233 8.68 11.91 10.67
CA SER A 233 8.44 13.34 10.50
C SER A 233 8.57 13.68 9.03
N VAL A 234 7.52 14.27 8.49
CA VAL A 234 7.44 14.59 7.07
C VAL A 234 7.30 16.11 6.96
N LYS A 235 8.18 16.69 6.16
CA LYS A 235 8.14 18.15 5.92
C LYS A 235 6.82 18.56 5.24
N PRO A 236 6.31 19.79 5.49
CA PRO A 236 5.09 20.26 4.80
C PRO A 236 5.14 20.07 3.27
N GLU A 237 6.27 20.30 2.64
CA GLU A 237 6.33 20.18 1.19
C GLU A 237 6.20 18.71 0.75
N MET A 238 6.69 17.79 1.55
CA MET A 238 6.58 16.38 1.24
C MET A 238 5.19 15.86 1.54
N ARG A 239 4.53 16.38 2.55
CA ARG A 239 3.11 16.16 2.73
C ARG A 239 2.34 16.55 1.47
N SER A 240 2.66 17.73 0.95
N SER A 240 2.59 17.74 0.93
CA SER A 240 1.98 18.23 -0.25
CA SER A 240 1.82 18.14 -0.26
C SER A 240 2.24 17.32 -1.43
C SER A 240 2.23 17.32 -1.50
N GLN A 241 3.49 16.92 -1.61
CA GLN A 241 3.86 15.99 -2.71
C GLN A 241 3.09 14.65 -2.61
N LYS A 242 3.00 14.14 -1.39
CA LYS A 242 2.21 12.91 -1.16
C LYS A 242 0.77 13.11 -1.56
N PHE A 243 0.17 14.20 -1.06
CA PHE A 243 -1.24 14.43 -1.31
C PHE A 243 -1.52 14.68 -2.80
N GLN A 244 -0.62 15.35 -3.47
CA GLN A 244 -0.72 15.55 -4.92
C GLN A 244 -0.66 14.20 -5.64
N ALA A 245 0.16 13.28 -5.15
CA ALA A 245 0.23 11.94 -5.73
C ALA A 245 -1.06 11.18 -5.48
N VAL A 246 -1.61 11.26 -4.28
CA VAL A 246 -2.88 10.64 -3.95
C VAL A 246 -3.97 11.10 -4.93
N GLU A 247 -3.99 12.40 -5.24
CA GLU A 247 -5.01 12.98 -6.14
C GLU A 247 -4.97 12.39 -7.53
N ARG A 248 -3.85 11.84 -7.95
CA ARG A 248 -3.76 11.19 -9.26
C ARG A 248 -4.66 9.94 -9.34
N TYR A 249 -5.03 9.34 -8.21
CA TYR A 249 -5.97 8.23 -8.21
C TYR A 249 -7.41 8.74 -8.26
N SER A 250 -7.76 9.37 -9.39
CA SER A 250 -9.10 10.01 -9.52
C SER A 250 -10.23 9.06 -9.26
N SER A 251 -10.12 7.83 -9.75
CA SER A 251 -11.15 6.84 -9.55
C SER A 251 -11.48 6.63 -8.08
N GLN A 252 -10.43 6.60 -7.25
CA GLN A 252 -10.57 6.26 -5.84
C GLN A 252 -10.95 7.45 -5.00
N MET A 253 -10.70 8.65 -5.50
CA MET A 253 -10.96 9.84 -4.72
C MET A 253 -12.44 10.02 -4.42
N VAL A 254 -13.29 9.43 -5.28
CA VAL A 254 -14.73 9.54 -5.14
C VAL A 254 -15.13 9.05 -3.74
N LEU A 255 -14.84 7.80 -3.46
CA LEU A 255 -15.20 7.19 -2.19
C LEU A 255 -14.24 7.59 -1.06
N LEU A 256 -12.96 7.81 -1.36
CA LEU A 256 -12.02 8.20 -0.32
C LEU A 256 -12.39 9.52 0.33
N ASN A 257 -12.84 10.48 -0.48
CA ASN A 257 -13.33 11.75 0.07
C ASN A 257 -14.67 11.58 0.82
N GLY A 258 -15.56 10.75 0.28
CA GLY A 258 -16.85 10.50 0.93
C GLY A 258 -17.72 11.75 0.90
N SER A 259 -18.78 11.73 1.70
N SER A 259 -18.78 11.73 1.70
CA SER A 259 -19.78 12.81 1.71
CA SER A 259 -19.77 12.80 1.73
C SER A 259 -19.24 14.12 2.29
C SER A 259 -19.23 14.12 2.29
N GLU A 260 -18.30 14.03 3.22
CA GLU A 260 -17.72 15.22 3.87
C GLU A 260 -16.54 15.83 3.09
N ASN A 261 -16.11 15.19 2.00
CA ASN A 261 -15.11 15.72 1.06
C ASN A 261 -13.79 16.11 1.75
N ASN A 262 -13.32 15.22 2.62
CA ASN A 262 -12.33 15.62 3.61
C ASN A 262 -11.16 14.66 3.80
N LEU A 263 -10.80 13.87 2.77
CA LEU A 263 -9.69 12.91 2.92
C LEU A 263 -8.43 13.54 3.51
N PHE A 264 -7.97 14.60 2.90
CA PHE A 264 -6.69 15.18 3.32
C PHE A 264 -6.76 15.79 4.70
N ASP A 265 -7.89 16.39 5.05
CA ASP A 265 -8.10 16.87 6.43
C ASP A 265 -8.05 15.74 7.42
N ARG A 266 -8.68 14.61 7.11
CA ARG A 266 -8.70 13.43 7.97
C ARG A 266 -7.27 12.87 8.12
N LEU A 267 -6.53 12.76 7.01
CA LEU A 267 -5.15 12.26 7.07
C LEU A 267 -4.27 13.21 7.89
N ASP A 268 -4.44 14.51 7.71
CA ASP A 268 -3.68 15.50 8.49
C ASP A 268 -3.96 15.37 9.99
N GLU A 269 -5.24 15.25 10.35
CA GLU A 269 -5.61 15.20 11.75
C GLU A 269 -5.11 13.93 12.38
N HIS A 270 -5.20 12.82 11.65
CA HIS A 270 -4.71 11.55 12.16
C HIS A 270 -3.21 11.62 12.46
N ALA A 271 -2.43 12.18 11.54
CA ALA A 271 -0.99 12.26 11.72
C ALA A 271 -0.62 13.17 12.87
N ARG A 272 -1.31 14.31 12.97
CA ARG A 272 -1.05 15.33 14.02
C ARG A 272 -1.10 14.72 15.41
N GLN A 273 -1.93 13.71 15.62
CA GLN A 273 -2.04 13.06 16.93
C GLN A 273 -0.76 12.43 17.44
N ASN A 274 0.06 11.87 16.54
CA ASN A 274 1.23 11.10 16.96
C ASN A 274 2.55 11.50 16.29
N ALA A 275 2.52 12.35 15.25
CA ALA A 275 3.75 12.64 14.54
C ALA A 275 4.58 13.67 15.29
N PRO A 276 5.91 13.68 15.07
CA PRO A 276 6.76 14.71 15.70
C PRO A 276 6.19 16.10 15.51
N HIS A 277 6.24 16.88 16.60
CA HIS A 277 5.77 18.29 16.70
C HIS A 277 4.40 18.56 16.13
N GLY A 278 3.54 17.55 16.10
CA GLY A 278 2.21 17.74 15.53
C GLY A 278 2.20 18.02 14.05
N GLY A 279 3.29 17.71 13.33
CA GLY A 279 3.31 17.84 11.88
C GLY A 279 2.77 16.59 11.21
N TYR A 280 3.09 16.45 9.93
CA TYR A 280 2.70 15.25 9.19
C TYR A 280 3.70 14.11 9.48
N GLY A 281 3.23 12.89 9.30
CA GLY A 281 4.05 11.70 9.47
C GLY A 281 3.27 10.47 9.16
N GLU A 282 3.99 9.35 9.06
CA GLU A 282 3.38 8.05 8.73
C GLU A 282 3.90 7.04 9.75
N THR A 283 2.99 6.20 10.23
CA THR A 283 3.32 5.16 11.19
C THR A 283 3.73 3.87 10.50
N THR A 284 4.87 3.33 10.92
CA THR A 284 5.33 2.01 10.50
C THR A 284 5.86 1.22 11.71
N TRP A 285 5.93 -0.09 11.55
CA TRP A 285 6.46 -0.97 12.59
C TRP A 285 7.47 -1.91 11.96
N PRO A 286 8.59 -2.17 12.65
CA PRO A 286 9.46 -3.23 12.22
C PRO A 286 8.85 -4.61 12.55
N VAL A 287 9.11 -5.59 11.71
CA VAL A 287 8.71 -6.97 12.01
C VAL A 287 9.93 -7.72 12.53
N VAL A 288 9.72 -8.49 13.59
CA VAL A 288 10.76 -9.40 14.11
C VAL A 288 10.12 -10.77 14.31
N ARG A 289 10.97 -11.74 14.60
CA ARG A 289 10.47 -13.07 14.93
C ARG A 289 10.03 -13.16 16.36
N SER A 290 8.87 -13.77 16.59
CA SER A 290 8.44 -14.10 17.92
C SER A 290 9.38 -15.09 18.59
N ASP A 291 9.33 -15.11 19.92
CA ASP A 291 10.06 -16.13 20.65
C ASP A 291 9.51 -17.50 20.30
N ASP A 292 10.34 -18.54 20.43
CA ASP A 292 9.91 -19.93 20.15
C ASP A 292 9.40 -20.15 18.73
N SER A 293 9.95 -19.43 17.76
N SER A 293 9.96 -19.43 17.77
CA SER A 293 9.47 -19.53 16.38
CA SER A 293 9.45 -19.46 16.42
C SER A 293 10.64 -19.87 15.47
C SER A 293 10.58 -19.56 15.44
N1 IMD B . -10.02 -1.51 1.47
C2 IMD B . -8.69 -1.67 1.35
N3 IMD B . -8.37 -1.42 0.08
C4 IMD B . -9.47 -1.07 -0.61
C5 IMD B . -10.52 -1.13 0.27
CO CO C . -6.42 -1.49 -0.79
#